data_3RJT
#
_entry.id   3RJT
#
_cell.length_a   94.415
_cell.length_b   94.415
_cell.length_c   135.743
_cell.angle_alpha   90.000
_cell.angle_beta   90.000
_cell.angle_gamma   90.000
#
_symmetry.space_group_name_H-M   'P 4 21 2'
#
loop_
_entity.id
_entity.type
_entity.pdbx_description
1 polymer 'Lipolytic protein G-D-S-L family'
2 non-polymer 'ACETATE ION'
3 non-polymer 1,2-ETHANEDIOL
4 non-polymer 'SULFATE ION'
5 non-polymer 'CHLORIDE ION'
6 water water
#
_entity_poly.entity_id   1
_entity_poly.type   'polypeptide(L)'
_entity_poly.pdbx_seq_one_letter_code
;SNA(MSE)IEPGSKLV(MSE)VGDSITD(CSO)GRAHPVGEAPRGGLGNGYVALVDAHLQVLHPDWRIRVVNVGTSGNTV
ADVARRWEDDV(MSE)ALQPDYVSL(MSE)IGVNDVWRQFD(MSE)PLVVERHVGIDEYRDTLRHLVATTKPRVRE
(MSE)FLLSPFYLEPNRSDP(MSE)RKTVDAYIEA(MSE)RDVAASEHVPFVDVQAEFDRLLAHLNTWVLAPDRVHPYLN
GHLVIARAFLTAVGVL
;
_entity_poly.pdbx_strand_id   A,B
#
loop_
_chem_comp.id
_chem_comp.type
_chem_comp.name
_chem_comp.formula
ACT non-polymer 'ACETATE ION' 'C2 H3 O2 -1'
CL non-polymer 'CHLORIDE ION' 'Cl -1'
EDO non-polymer 1,2-ETHANEDIOL 'C2 H6 O2'
SO4 non-polymer 'SULFATE ION' 'O4 S -2'
#
# COMPACT_ATOMS: atom_id res chain seq x y z
N ALA A 3 10.04 2.70 20.45
CA ALA A 3 9.70 4.15 20.53
C ALA A 3 8.23 4.39 20.15
N MSE A 4 7.35 3.98 21.05
CA MSE A 4 5.92 3.97 20.80
C MSE A 4 5.26 5.34 20.59
O MSE A 4 5.76 6.42 20.94
CB MSE A 4 5.19 3.14 21.85
CG MSE A 4 5.19 3.72 23.27
SE MSE A 4 3.79 2.85 24.30
CE MSE A 4 4.52 3.03 26.12
N ILE A 5 4.11 5.25 19.94
CA ILE A 5 3.30 6.40 19.66
C ILE A 5 2.09 6.27 20.60
N GLU A 6 1.89 7.26 21.47
N GLU A 6 1.89 7.28 21.45
CA GLU A 6 0.77 7.23 22.42
CA GLU A 6 0.76 7.34 22.40
C GLU A 6 -0.56 7.42 21.69
C GLU A 6 -0.57 7.43 21.65
N PRO A 7 -1.63 6.79 22.18
CA PRO A 7 -2.93 6.90 21.51
C PRO A 7 -3.44 8.35 21.44
N GLY A 8 -4.22 8.64 20.38
CA GLY A 8 -4.79 9.97 20.17
C GLY A 8 -3.79 11.03 19.73
N SER A 9 -2.67 10.62 19.17
CA SER A 9 -1.61 11.56 18.81
C SER A 9 -1.65 11.95 17.34
N LYS A 10 -1.13 13.15 17.05
CA LYS A 10 -0.94 13.63 15.68
C LYS A 10 0.53 13.41 15.29
N LEU A 11 0.71 12.68 14.20
CA LEU A 11 2.04 12.37 13.65
C LEU A 11 2.14 13.12 12.34
N VAL A 12 3.02 14.12 12.28
CA VAL A 12 3.23 14.93 11.05
C VAL A 12 4.49 14.42 10.36
N MSE A 13 4.32 13.95 9.12
CA MSE A 13 5.43 13.38 8.34
C MSE A 13 5.87 14.38 7.31
O MSE A 13 5.06 14.93 6.55
CB MSE A 13 5.01 12.03 7.73
CG MSE A 13 4.45 11.09 8.87
SE MSE A 13 4.28 9.23 8.35
CE MSE A 13 6.07 8.61 8.66
N VAL A 14 7.18 14.67 7.32
CA VAL A 14 7.74 15.76 6.52
C VAL A 14 8.82 15.23 5.62
N GLY A 15 9.00 15.87 4.46
CA GLY A 15 10.07 15.49 3.55
C GLY A 15 9.92 16.13 2.18
N ASP A 16 10.45 15.41 1.19
CA ASP A 16 10.48 15.86 -0.22
C ASP A 16 9.44 15.06 -1.01
N SER A 17 9.63 14.88 -2.32
N SER A 17 9.69 14.79 -2.28
CA SER A 17 8.57 14.23 -3.12
CA SER A 17 8.71 14.03 -3.07
C SER A 17 8.27 12.82 -2.62
C SER A 17 8.38 12.65 -2.50
N ILE A 18 9.29 12.15 -2.05
N ILE A 18 9.35 11.94 -1.94
CA ILE A 18 9.15 10.77 -1.55
CA ILE A 18 9.04 10.59 -1.51
C ILE A 18 8.05 10.74 -0.47
C ILE A 18 8.07 10.63 -0.34
N THR A 19 8.06 11.76 0.39
CA THR A 19 7.06 11.93 1.42
C THR A 19 5.76 12.51 0.83
N ASP A 20 5.88 13.54 -0.01
CA ASP A 20 4.72 14.22 -0.64
C ASP A 20 3.76 13.22 -1.32
N CSO A 21 4.25 12.57 -2.38
CA CSO A 21 3.45 11.63 -3.15
CB CSO A 21 3.32 10.33 -2.38
SG CSO A 21 4.90 9.47 -2.37
C CSO A 21 2.07 12.15 -3.53
O CSO A 21 1.10 11.41 -3.50
OD CSO A 21 5.46 9.27 -4.10
N GLY A 22 1.97 13.43 -3.89
CA GLY A 22 0.68 13.99 -4.35
C GLY A 22 -0.30 14.29 -3.25
N ARG A 23 0.20 14.45 -2.03
CA ARG A 23 -0.66 14.80 -0.88
C ARG A 23 -1.40 16.14 -1.07
N ALA A 24 -2.43 16.32 -0.28
CA ALA A 24 -3.32 17.47 -0.45
C ALA A 24 -2.68 18.73 0.14
N HIS A 25 -3.03 19.88 -0.46
CA HIS A 25 -2.61 21.19 0.04
C HIS A 25 -3.77 21.98 0.61
N PRO A 26 -3.50 22.80 1.64
CA PRO A 26 -2.19 23.09 2.24
C PRO A 26 -1.63 21.97 3.12
N VAL A 27 -2.49 21.04 3.58
CA VAL A 27 -2.08 19.99 4.55
C VAL A 27 -2.68 18.65 4.11
N GLY A 28 -1.87 17.58 4.04
CA GLY A 28 -2.39 16.26 3.66
C GLY A 28 -2.90 15.54 4.89
N GLU A 29 -4.19 15.15 4.89
CA GLU A 29 -4.78 14.38 6.00
C GLU A 29 -5.22 13.01 5.51
N ALA A 30 -5.45 12.07 6.44
CA ALA A 30 -5.78 10.68 6.09
C ALA A 30 -7.08 10.47 5.31
N PRO A 31 -8.14 11.20 5.66
CA PRO A 31 -9.40 10.86 5.04
C PRO A 31 -9.32 10.91 3.54
N ARG A 32 -9.88 9.88 2.89
N ARG A 32 -10.10 10.02 2.93
CA ARG A 32 -9.69 9.65 1.43
CA ARG A 32 -10.29 10.00 1.48
C ARG A 32 -8.27 9.22 0.98
C ARG A 32 -8.98 10.20 0.69
N GLY A 33 -7.68 10.07 0.14
N GLY A 33 -7.85 9.64 1.16
CA GLY A 33 -6.29 9.96 -0.29
CA GLY A 33 -6.60 9.65 0.37
C GLY A 33 -5.61 11.27 -0.02
C GLY A 33 -5.69 10.89 0.26
N GLY A 34 -5.93 11.90 1.12
CA GLY A 34 -5.23 13.17 1.29
C GLY A 34 -3.76 12.98 1.59
N LEU A 35 -3.37 11.78 2.05
CA LEU A 35 -1.96 11.55 2.35
C LEU A 35 -1.12 11.23 1.13
N GLY A 36 -1.74 11.16 -0.05
CA GLY A 36 -0.98 10.71 -1.21
C GLY A 36 -1.03 9.20 -1.38
N ASN A 37 -0.11 8.69 -2.19
N ASN A 37 -0.15 8.62 -2.21
CA ASN A 37 -0.15 7.30 -2.57
CA ASN A 37 -0.21 7.16 -2.51
C ASN A 37 1.20 6.61 -2.41
C ASN A 37 1.05 6.34 -2.13
N GLY A 38 1.87 6.94 -1.30
CA GLY A 38 3.20 6.38 -0.96
C GLY A 38 3.30 5.97 0.49
N TYR A 39 4.51 6.07 1.03
CA TYR A 39 4.74 5.46 2.35
C TYR A 39 3.93 6.10 3.47
N VAL A 40 3.69 7.40 3.39
CA VAL A 40 2.92 8.05 4.48
C VAL A 40 1.48 7.48 4.50
N ALA A 41 0.88 7.32 3.33
CA ALA A 41 -0.44 6.71 3.25
C ALA A 41 -0.41 5.24 3.74
N LEU A 42 0.66 4.51 3.43
CA LEU A 42 0.79 3.13 3.87
C LEU A 42 0.97 3.06 5.39
N VAL A 43 1.72 4.01 5.96
CA VAL A 43 1.86 4.05 7.42
C VAL A 43 0.48 4.25 8.06
N ASP A 44 -0.26 5.24 7.58
CA ASP A 44 -1.60 5.47 8.10
C ASP A 44 -2.49 4.21 7.91
N ALA A 45 -2.42 3.59 6.72
CA ALA A 45 -3.28 2.44 6.48
C ALA A 45 -2.99 1.32 7.47
N HIS A 46 -1.71 1.05 7.73
CA HIS A 46 -1.39 -0.01 8.70
C HIS A 46 -1.85 0.36 10.11
N LEU A 47 -1.63 1.62 10.52
CA LEU A 47 -2.09 2.03 11.85
C LEU A 47 -3.58 1.87 12.00
N GLN A 48 -4.34 2.22 10.96
CA GLN A 48 -5.80 2.12 11.13
C GLN A 48 -6.31 0.67 11.05
N VAL A 49 -5.67 -0.18 10.23
CA VAL A 49 -6.09 -1.56 10.06
C VAL A 49 -5.68 -2.44 11.21
N LEU A 50 -4.49 -2.19 11.74
CA LEU A 50 -3.94 -3.02 12.81
C LEU A 50 -4.12 -2.43 14.19
N HIS A 51 -4.20 -1.10 14.29
CA HIS A 51 -4.34 -0.45 15.61
C HIS A 51 -5.37 0.69 15.57
N PRO A 52 -6.57 0.37 15.11
CA PRO A 52 -7.57 1.44 14.98
C PRO A 52 -7.85 2.13 16.31
N ASP A 53 -7.78 1.38 17.42
CA ASP A 53 -8.09 2.00 18.70
C ASP A 53 -7.04 3.00 19.18
N TRP A 54 -5.85 2.98 18.57
N TRP A 54 -5.88 3.02 18.55
CA TRP A 54 -4.77 3.97 18.87
CA TRP A 54 -4.86 4.00 18.93
C TRP A 54 -5.20 5.40 18.52
C TRP A 54 -5.12 5.39 18.34
N ARG A 55 -6.09 5.56 17.54
N ARG A 55 -6.12 5.50 17.48
CA ARG A 55 -6.52 6.91 17.11
CA ARG A 55 -6.59 6.80 17.00
C ARG A 55 -5.37 7.82 16.68
C ARG A 55 -5.45 7.75 16.65
N ILE A 56 -4.49 7.28 15.83
N ILE A 56 -4.48 7.26 15.89
CA ILE A 56 -3.34 8.06 15.35
CA ILE A 56 -3.38 8.11 15.45
C ILE A 56 -3.70 8.88 14.12
C ILE A 56 -3.76 8.88 14.19
N ARG A 57 -3.59 10.21 14.25
CA ARG A 57 -3.89 11.12 13.14
C ARG A 57 -2.61 11.37 12.38
N VAL A 58 -2.54 10.82 11.17
CA VAL A 58 -1.32 10.96 10.35
C VAL A 58 -1.52 12.11 9.37
N VAL A 59 -0.50 12.96 9.25
CA VAL A 59 -0.56 14.17 8.43
C VAL A 59 0.69 14.17 7.56
N ASN A 60 0.53 14.64 6.32
CA ASN A 60 1.63 14.70 5.36
C ASN A 60 1.88 16.14 4.93
N VAL A 61 3.10 16.64 5.16
CA VAL A 61 3.46 17.97 4.64
C VAL A 61 4.74 17.90 3.81
N GLY A 62 4.91 16.78 3.14
CA GLY A 62 6.07 16.60 2.21
C GLY A 62 5.90 17.51 1.00
N THR A 63 7.02 17.99 0.46
CA THR A 63 7.00 18.85 -0.73
C THR A 63 8.08 18.46 -1.75
N SER A 64 7.65 18.05 -2.94
N SER A 64 7.63 18.11 -2.95
CA SER A 64 8.58 17.68 -4.01
CA SER A 64 8.52 17.82 -4.08
C SER A 64 9.67 18.73 -4.26
C SER A 64 9.69 18.79 -4.21
N GLY A 65 10.90 18.23 -4.37
CA GLY A 65 12.09 19.03 -4.70
C GLY A 65 12.79 19.63 -3.47
N ASN A 66 12.21 19.49 -2.28
CA ASN A 66 12.79 20.19 -1.12
C ASN A 66 14.17 19.63 -0.75
N THR A 67 15.06 20.56 -0.39
CA THR A 67 16.25 20.22 0.36
C THR A 67 15.98 20.50 1.84
N VAL A 68 16.95 20.20 2.68
CA VAL A 68 16.78 20.51 4.10
C VAL A 68 16.65 22.03 4.33
N ALA A 69 17.26 22.84 3.46
CA ALA A 69 17.12 24.30 3.59
C ALA A 69 15.68 24.73 3.32
N ASP A 70 15.03 24.09 2.35
CA ASP A 70 13.61 24.38 2.05
C ASP A 70 12.73 23.95 3.21
N VAL A 71 13.03 22.78 3.78
CA VAL A 71 12.26 22.29 4.91
C VAL A 71 12.39 23.26 6.10
N ALA A 72 13.62 23.71 6.37
CA ALA A 72 13.85 24.60 7.51
C ALA A 72 13.09 25.93 7.34
N ARG A 73 13.07 26.47 6.10
CA ARG A 73 12.41 27.75 5.84
C ARG A 73 10.92 27.68 6.18
N ARG A 74 10.31 26.51 5.97
CA ARG A 74 8.87 26.40 6.18
C ARG A 74 8.49 25.66 7.45
N TRP A 75 9.48 25.32 8.27
CA TRP A 75 9.24 24.45 9.42
C TRP A 75 8.21 24.97 10.40
N GLU A 76 8.37 26.22 10.84
CA GLU A 76 7.44 26.72 11.84
C GLU A 76 6.03 26.82 11.33
N ASP A 77 5.88 27.29 10.09
CA ASP A 77 4.53 27.53 9.56
C ASP A 77 3.86 26.25 9.07
N ASP A 78 4.63 25.31 8.52
CA ASP A 78 4.02 24.12 7.91
C ASP A 78 3.98 22.93 8.85
N VAL A 79 4.90 22.88 9.82
CA VAL A 79 5.05 21.69 10.65
C VAL A 79 4.64 22.04 12.09
N MSE A 80 5.34 22.99 12.73
CA MSE A 80 5.08 23.20 14.15
C MSE A 80 3.72 23.86 14.41
O MSE A 80 3.11 23.62 15.45
CB MSE A 80 6.21 24.02 14.78
CG MSE A 80 7.57 23.33 14.64
SE MSE A 80 7.61 21.41 15.13
CE MSE A 80 7.13 21.59 17.01
N ALA A 81 3.23 24.64 13.44
CA ALA A 81 1.90 25.25 13.60
C ALA A 81 0.79 24.21 13.70
N LEU A 82 1.06 22.98 13.24
CA LEU A 82 0.06 21.91 13.31
C LEU A 82 -0.01 21.27 14.69
N GLN A 83 0.83 21.72 15.62
CA GLN A 83 0.87 21.15 16.98
C GLN A 83 1.04 19.63 16.98
N PRO A 84 2.09 19.16 16.29
CA PRO A 84 2.30 17.72 16.25
C PRO A 84 2.65 17.16 17.63
N ASP A 85 2.22 15.92 17.88
CA ASP A 85 2.78 15.14 18.99
C ASP A 85 4.03 14.40 18.58
N TYR A 86 4.09 14.03 17.31
CA TYR A 86 5.26 13.31 16.77
C TYR A 86 5.56 13.91 15.42
N VAL A 87 6.84 13.97 15.08
CA VAL A 87 7.28 14.47 13.75
C VAL A 87 8.24 13.46 13.17
N SER A 88 8.09 13.15 11.89
CA SER A 88 9.14 12.41 11.18
C SER A 88 9.67 13.30 10.05
N LEU A 89 10.94 13.07 9.72
CA LEU A 89 11.56 13.83 8.65
C LEU A 89 12.46 12.90 7.85
N MSE A 90 12.21 12.83 6.54
CA MSE A 90 13.12 12.17 5.60
C MSE A 90 13.56 13.25 4.63
O MSE A 90 12.71 13.80 3.91
CB MSE A 90 12.42 11.06 4.80
CG MSE A 90 13.38 10.47 3.73
SE MSE A 90 12.48 9.24 2.51
CE MSE A 90 12.77 7.90 3.66
N ILE A 91 14.86 13.52 4.55
CA ILE A 91 15.33 14.60 3.65
C ILE A 91 16.80 14.37 3.40
N GLY A 92 17.27 14.84 2.25
CA GLY A 92 18.67 14.75 1.90
C GLY A 92 18.90 14.31 0.47
N VAL A 93 17.99 13.52 -0.12
CA VAL A 93 18.31 13.06 -1.47
C VAL A 93 18.45 14.23 -2.44
N ASN A 94 17.60 15.26 -2.32
CA ASN A 94 17.74 16.40 -3.24
C ASN A 94 18.99 17.22 -2.97
N ASP A 95 19.33 17.37 -1.68
CA ASP A 95 20.52 18.12 -1.25
C ASP A 95 21.74 17.57 -1.97
N VAL A 96 21.80 16.24 -2.09
CA VAL A 96 22.88 15.56 -2.82
C VAL A 96 22.63 15.60 -4.34
N TRP A 97 21.44 15.21 -4.76
CA TRP A 97 21.16 15.00 -6.20
C TRP A 97 21.44 16.26 -7.01
N ARG A 98 21.13 17.44 -6.48
CA ARG A 98 21.37 18.67 -7.25
C ARG A 98 22.83 18.83 -7.60
N GLN A 99 23.73 18.30 -6.75
CA GLN A 99 25.16 18.41 -7.03
C GLN A 99 25.57 17.60 -8.25
N PHE A 100 24.72 16.64 -8.62
CA PHE A 100 24.99 15.76 -9.77
C PHE A 100 24.15 16.12 -10.99
N ASP A 101 22.86 16.43 -10.79
CA ASP A 101 22.03 16.76 -11.97
C ASP A 101 22.10 18.22 -12.39
N MSE A 102 22.59 19.08 -11.49
CA MSE A 102 22.82 20.50 -11.82
C MSE A 102 24.16 20.94 -11.25
O MSE A 102 24.20 21.87 -10.44
CB MSE A 102 21.70 21.38 -11.21
CG MSE A 102 20.31 20.89 -11.37
SE MSE A 102 19.20 22.25 -10.59
CE MSE A 102 17.58 21.31 -10.95
N PRO A 103 25.28 20.30 -11.67
CA PRO A 103 26.55 20.58 -10.98
C PRO A 103 27.01 22.04 -11.01
N LEU A 104 26.61 22.82 -12.01
CA LEU A 104 27.07 24.20 -12.09
C LEU A 104 26.10 25.16 -11.41
N VAL A 105 24.89 24.68 -11.06
CA VAL A 105 23.88 25.58 -10.50
C VAL A 105 24.03 25.48 -8.98
N VAL A 106 25.10 26.09 -8.50
CA VAL A 106 25.57 25.81 -7.14
C VAL A 106 24.60 26.28 -6.06
N GLU A 107 23.75 27.27 -6.31
N GLU A 107 23.80 27.31 -6.38
CA GLU A 107 22.83 27.75 -5.26
CA GLU A 107 22.75 27.83 -5.49
C GLU A 107 21.64 26.79 -5.03
C GLU A 107 21.84 26.71 -4.97
N ARG A 108 21.56 25.73 -5.83
CA ARG A 108 20.61 24.64 -5.56
C ARG A 108 21.17 23.52 -4.69
N HIS A 109 22.49 23.54 -4.50
CA HIS A 109 23.18 22.50 -3.72
C HIS A 109 23.09 22.81 -2.23
N VAL A 110 23.07 21.77 -1.41
CA VAL A 110 23.25 21.94 0.05
C VAL A 110 24.37 20.99 0.42
N GLY A 111 25.53 21.56 0.80
CA GLY A 111 26.71 20.77 1.20
C GLY A 111 26.51 20.09 2.54
N ILE A 112 27.43 19.20 2.88
CA ILE A 112 27.19 18.36 4.06
C ILE A 112 27.22 19.15 5.36
N ASP A 113 28.04 20.21 5.41
CA ASP A 113 28.06 20.98 6.67
C ASP A 113 26.75 21.72 6.87
N GLU A 114 26.23 22.35 5.81
CA GLU A 114 24.93 22.98 5.93
C GLU A 114 23.85 21.95 6.25
N TYR A 115 23.90 20.79 5.58
CA TYR A 115 22.90 19.76 5.81
C TYR A 115 22.91 19.35 7.29
N ARG A 116 24.09 19.01 7.80
CA ARG A 116 24.23 18.59 9.20
C ARG A 116 23.77 19.68 10.15
N ASP A 117 24.21 20.91 9.91
CA ASP A 117 23.88 22.00 10.83
C ASP A 117 22.38 22.31 10.81
N THR A 118 21.75 22.16 9.63
CA THR A 118 20.31 22.44 9.54
C THR A 118 19.53 21.32 10.24
N LEU A 119 19.92 20.07 10.00
CA LEU A 119 19.28 18.98 10.75
C LEU A 119 19.41 19.16 12.25
N ARG A 120 20.61 19.54 12.72
N ARG A 120 20.59 19.56 12.71
CA ARG A 120 20.84 19.79 14.15
CA ARG A 120 20.79 19.73 14.14
C ARG A 120 19.79 20.78 14.65
C ARG A 120 19.90 20.83 14.72
N HIS A 121 19.64 21.86 13.92
CA HIS A 121 18.76 22.94 14.34
C HIS A 121 17.31 22.46 14.34
N LEU A 122 16.90 21.72 13.31
CA LEU A 122 15.51 21.23 13.26
C LEU A 122 15.23 20.27 14.43
N VAL A 123 16.20 19.41 14.76
CA VAL A 123 15.95 18.53 15.89
C VAL A 123 15.91 19.35 17.19
N ALA A 124 16.87 20.26 17.37
CA ALA A 124 16.95 21.04 18.60
C ALA A 124 15.67 21.83 18.85
N THR A 125 15.09 22.38 17.79
CA THR A 125 13.92 23.23 17.99
C THR A 125 12.66 22.42 18.13
N THR A 126 12.66 21.20 17.61
CA THR A 126 11.44 20.36 17.62
C THR A 126 11.34 19.44 18.85
N LYS A 127 12.45 18.82 19.22
CA LYS A 127 12.46 17.84 20.31
C LYS A 127 11.75 18.34 21.58
N PRO A 128 11.99 19.60 22.03
CA PRO A 128 11.33 20.02 23.26
C PRO A 128 9.82 20.20 23.17
N ARG A 129 9.30 20.23 21.92
CA ARG A 129 7.89 20.52 21.66
C ARG A 129 7.09 19.32 21.26
N VAL A 130 7.72 18.16 21.17
CA VAL A 130 7.01 16.94 20.72
C VAL A 130 7.29 15.80 21.67
N ARG A 131 6.46 14.76 21.61
CA ARG A 131 6.77 13.54 22.38
C ARG A 131 8.00 12.83 21.81
N GLU A 132 8.08 12.73 20.48
CA GLU A 132 9.28 12.16 19.87
C GLU A 132 9.40 12.64 18.41
N MSE A 133 10.63 12.71 17.93
CA MSE A 133 10.91 13.02 16.53
C MSE A 133 11.66 11.84 15.94
O MSE A 133 12.54 11.27 16.61
CB MSE A 133 11.74 14.30 16.41
CG MSE A 133 12.03 14.67 14.91
SE MSE A 133 12.86 16.39 14.77
CE MSE A 133 13.19 16.57 12.89
N PHE A 134 11.34 11.47 14.69
CA PHE A 134 12.02 10.36 14.01
C PHE A 134 12.74 10.89 12.80
N LEU A 135 14.02 10.57 12.69
CA LEU A 135 14.82 10.95 11.52
C LEU A 135 14.88 9.72 10.62
N LEU A 136 14.38 9.86 9.39
CA LEU A 136 14.37 8.75 8.41
C LEU A 136 15.45 9.00 7.39
N SER A 137 16.33 8.04 7.20
CA SER A 137 17.43 8.26 6.25
C SER A 137 16.88 8.58 4.86
N PRO A 138 17.51 9.55 4.16
CA PRO A 138 17.32 9.56 2.70
C PRO A 138 17.93 8.28 2.12
N PHE A 139 17.63 8.01 0.86
CA PHE A 139 18.20 6.79 0.25
C PHE A 139 18.41 7.00 -1.23
N TYR A 140 19.27 6.16 -1.79
CA TYR A 140 19.52 6.18 -3.21
C TYR A 140 19.70 4.75 -3.63
N LEU A 141 18.94 4.33 -4.65
CA LEU A 141 18.81 2.89 -4.96
C LEU A 141 19.91 2.44 -5.92
N GLU A 142 21.14 2.57 -5.43
CA GLU A 142 22.34 2.23 -6.20
C GLU A 142 23.20 1.33 -5.32
N PRO A 143 23.32 0.05 -5.66
CA PRO A 143 24.02 -0.86 -4.76
C PRO A 143 25.52 -0.67 -4.74
N ASN A 144 26.07 -0.05 -5.79
CA ASN A 144 27.53 0.19 -5.87
C ASN A 144 27.89 1.39 -4.98
N ARG A 145 28.48 1.07 -3.83
N ARG A 145 28.41 1.15 -3.78
CA ARG A 145 28.80 2.03 -2.80
CA ARG A 145 28.64 2.27 -2.86
C ARG A 145 29.92 2.97 -3.19
C ARG A 145 29.96 2.99 -3.16
N SER A 146 30.62 2.63 -4.27
CA SER A 146 31.70 3.47 -4.81
C SER A 146 31.17 4.45 -5.86
N ASP A 147 29.91 4.31 -6.28
CA ASP A 147 29.39 5.30 -7.21
C ASP A 147 29.44 6.65 -6.50
N PRO A 148 29.91 7.71 -7.16
CA PRO A 148 30.10 8.96 -6.42
C PRO A 148 28.85 9.54 -5.75
N MSE A 149 27.70 9.51 -6.45
CA MSE A 149 26.51 10.00 -5.77
C MSE A 149 26.10 9.09 -4.62
O MSE A 149 25.72 9.57 -3.56
CB MSE A 149 25.34 10.26 -6.74
CG MSE A 149 24.09 10.66 -5.98
SE MSE A 149 22.78 11.44 -7.16
CE MSE A 149 21.25 11.30 -5.92
N ARG A 150 26.17 7.78 -4.81
CA ARG A 150 25.83 6.87 -3.69
C ARG A 150 26.75 7.11 -2.50
N LYS A 151 28.04 7.33 -2.74
CA LYS A 151 28.97 7.59 -1.64
C LYS A 151 28.60 8.87 -0.92
N THR A 152 28.18 9.90 -1.68
CA THR A 152 27.80 11.14 -1.04
C THR A 152 26.49 10.97 -0.25
N VAL A 153 25.50 10.27 -0.81
CA VAL A 153 24.29 9.98 -0.03
C VAL A 153 24.65 9.27 1.27
N ASP A 154 25.55 8.28 1.20
CA ASP A 154 25.93 7.56 2.43
C ASP A 154 26.53 8.52 3.47
N ALA A 155 27.35 9.47 3.01
CA ALA A 155 27.89 10.46 3.95
C ALA A 155 26.81 11.29 4.61
N TYR A 156 25.81 11.72 3.82
CA TYR A 156 24.72 12.49 4.41
C TYR A 156 23.89 11.65 5.37
N ILE A 157 23.64 10.38 5.03
CA ILE A 157 22.96 9.48 5.96
C ILE A 157 23.71 9.41 7.27
N GLU A 158 25.04 9.25 7.21
CA GLU A 158 25.79 9.15 8.45
C GLU A 158 25.76 10.47 9.25
N ALA A 159 25.73 11.61 8.54
CA ALA A 159 25.56 12.89 9.26
C ALA A 159 24.22 12.91 9.99
N MSE A 160 23.15 12.45 9.32
CA MSE A 160 21.85 12.38 9.99
C MSE A 160 21.91 11.42 11.20
O MSE A 160 21.39 11.74 12.26
CB MSE A 160 20.77 11.95 8.98
CG MSE A 160 19.44 11.82 9.71
SE MSE A 160 17.99 11.14 8.54
CE MSE A 160 17.37 12.81 7.76
N ARG A 161 22.51 10.25 11.01
CA ARG A 161 22.61 9.29 12.11
C ARG A 161 23.33 9.92 13.31
N ASP A 162 24.37 10.68 13.05
CA ASP A 162 25.16 11.29 14.13
C ASP A 162 24.33 12.39 14.83
N VAL A 163 23.57 13.18 14.06
CA VAL A 163 22.69 14.17 14.69
C VAL A 163 21.64 13.47 15.57
N ALA A 164 21.04 12.39 15.08
CA ALA A 164 20.04 11.65 15.86
C ALA A 164 20.67 11.14 17.16
N ALA A 165 21.87 10.60 17.06
CA ALA A 165 22.51 10.05 18.26
C ALA A 165 22.85 11.16 19.27
N SER A 166 23.26 12.33 18.79
N SER A 166 23.34 12.29 18.77
CA SER A 166 23.59 13.44 19.69
CA SER A 166 23.81 13.40 19.61
C SER A 166 22.37 13.92 20.46
C SER A 166 22.63 14.04 20.31
N GLU A 167 21.25 14.10 19.74
N GLU A 167 21.47 13.96 19.67
CA GLU A 167 20.01 14.55 20.37
CA GLU A 167 20.25 14.54 20.21
C GLU A 167 19.19 13.45 21.01
C GLU A 167 19.27 13.51 20.85
N HIS A 168 19.66 12.23 20.88
CA HIS A 168 18.88 11.12 21.40
C HIS A 168 17.47 11.09 20.85
N VAL A 169 17.39 11.09 19.53
CA VAL A 169 16.09 10.82 18.86
C VAL A 169 16.29 9.62 17.94
N PRO A 170 15.20 8.88 17.69
CA PRO A 170 15.32 7.68 16.84
C PRO A 170 15.72 7.96 15.41
N PHE A 171 16.58 7.08 14.89
CA PHE A 171 17.02 7.14 13.50
C PHE A 171 16.55 5.85 12.83
N VAL A 172 15.87 6.00 11.69
CA VAL A 172 15.35 4.84 10.95
C VAL A 172 16.21 4.72 9.69
N ASP A 173 16.97 3.62 9.59
CA ASP A 173 17.90 3.45 8.47
C ASP A 173 17.17 2.79 7.30
N VAL A 174 16.42 3.62 6.58
CA VAL A 174 15.69 3.14 5.41
C VAL A 174 16.67 2.65 4.35
N GLN A 175 17.78 3.39 4.15
CA GLN A 175 18.77 2.98 3.15
C GLN A 175 19.25 1.53 3.40
N ALA A 176 19.46 1.15 4.66
CA ALA A 176 19.93 -0.20 4.96
C ALA A 176 18.89 -1.26 4.57
N GLU A 177 17.61 -0.94 4.72
CA GLU A 177 16.57 -1.88 4.28
C GLU A 177 16.58 -2.03 2.79
N PHE A 178 16.78 -0.93 2.08
CA PHE A 178 16.93 -1.05 0.62
C PHE A 178 18.18 -1.81 0.20
N ASP A 179 19.29 -1.62 0.92
CA ASP A 179 20.49 -2.35 0.54
C ASP A 179 20.26 -3.86 0.68
N ARG A 180 19.54 -4.27 1.74
N ARG A 180 19.52 -4.24 1.74
CA ARG A 180 19.27 -5.71 1.87
CA ARG A 180 19.15 -5.65 1.96
C ARG A 180 18.41 -6.15 0.68
C ARG A 180 18.30 -6.19 0.83
N LEU A 181 17.38 -5.36 0.33
CA LEU A 181 16.50 -5.81 -0.75
C LEU A 181 17.21 -5.80 -2.11
N LEU A 182 18.11 -4.84 -2.32
CA LEU A 182 18.87 -4.75 -3.58
C LEU A 182 19.77 -5.98 -3.78
N ALA A 183 20.07 -6.75 -2.73
CA ALA A 183 20.80 -8.02 -2.95
C ALA A 183 19.92 -9.07 -3.64
N HIS A 184 18.59 -8.85 -3.63
CA HIS A 184 17.63 -9.79 -4.22
C HIS A 184 16.93 -9.27 -5.47
N LEU A 185 16.74 -7.96 -5.57
CA LEU A 185 16.02 -7.33 -6.71
C LEU A 185 16.90 -6.24 -7.24
N ASN A 186 17.02 -6.14 -8.56
CA ASN A 186 17.81 -5.04 -9.12
C ASN A 186 17.04 -3.71 -9.04
N THR A 187 17.79 -2.62 -9.10
CA THR A 187 17.17 -1.33 -8.87
C THR A 187 16.02 -1.01 -9.82
N TRP A 188 16.05 -1.53 -11.07
CA TRP A 188 14.95 -1.20 -12.00
C TRP A 188 13.61 -1.76 -11.57
N VAL A 189 13.61 -2.75 -10.68
CA VAL A 189 12.33 -3.27 -10.15
C VAL A 189 11.76 -2.29 -9.12
N LEU A 190 12.64 -1.50 -8.49
CA LEU A 190 12.22 -0.64 -7.38
C LEU A 190 11.95 0.80 -7.77
N ALA A 191 12.56 1.28 -8.87
CA ALA A 191 12.39 2.71 -9.27
C ALA A 191 12.81 2.87 -10.72
N PRO A 192 12.31 3.92 -11.38
CA PRO A 192 12.71 4.21 -12.76
C PRO A 192 13.98 5.06 -12.85
N ASP A 193 14.51 5.48 -11.70
CA ASP A 193 15.58 6.52 -11.74
C ASP A 193 16.43 6.49 -10.49
N ARG A 194 16.41 5.38 -9.75
CA ARG A 194 17.20 5.20 -8.52
C ARG A 194 16.78 6.07 -7.34
N VAL A 195 15.73 6.89 -7.52
CA VAL A 195 15.36 7.88 -6.47
C VAL A 195 13.89 7.71 -6.02
N HIS A 196 12.97 7.61 -6.99
CA HIS A 196 11.53 7.64 -6.69
C HIS A 196 10.94 6.23 -6.81
N PRO A 197 10.72 5.54 -5.67
CA PRO A 197 10.32 4.14 -5.79
C PRO A 197 8.88 3.93 -6.23
N TYR A 198 8.64 2.73 -6.75
CA TYR A 198 7.28 2.25 -6.98
C TYR A 198 6.66 1.86 -5.64
N LEU A 199 5.43 1.35 -5.69
CA LEU A 199 4.73 0.91 -4.47
C LEU A 199 5.58 -0.04 -3.61
N ASN A 200 6.29 -0.96 -4.26
CA ASN A 200 7.15 -1.88 -3.53
C ASN A 200 8.15 -1.13 -2.60
N GLY A 201 8.85 -0.13 -3.15
CA GLY A 201 9.77 0.65 -2.32
C GLY A 201 9.08 1.49 -1.26
N HIS A 202 7.89 2.01 -1.57
CA HIS A 202 7.15 2.72 -0.54
C HIS A 202 6.76 1.79 0.62
N LEU A 203 6.45 0.53 0.29
CA LEU A 203 6.16 -0.44 1.34
C LEU A 203 7.42 -0.71 2.19
N VAL A 204 8.61 -0.75 1.58
CA VAL A 204 9.85 -0.89 2.36
C VAL A 204 9.96 0.27 3.38
N ILE A 205 9.72 1.49 2.92
CA ILE A 205 9.85 2.65 3.80
C ILE A 205 8.82 2.55 4.92
N ALA A 206 7.57 2.29 4.54
CA ALA A 206 6.51 2.20 5.57
C ALA A 206 6.79 1.14 6.61
N ARG A 207 7.20 -0.04 6.16
CA ARG A 207 7.50 -1.10 7.13
C ARG A 207 8.65 -0.74 8.03
N ALA A 208 9.67 -0.05 7.49
CA ALA A 208 10.81 0.36 8.34
C ALA A 208 10.34 1.33 9.42
N PHE A 209 9.49 2.28 9.03
CA PHE A 209 8.95 3.21 10.03
C PHE A 209 8.08 2.49 11.07
N LEU A 210 7.18 1.65 10.59
CA LEU A 210 6.27 0.95 11.50
C LEU A 210 7.04 0.04 12.47
N THR A 211 8.12 -0.58 12.00
CA THR A 211 8.95 -1.42 12.86
C THR A 211 9.61 -0.56 13.94
N ALA A 212 10.07 0.63 13.55
CA ALA A 212 10.73 1.55 14.48
C ALA A 212 9.78 2.03 15.57
N VAL A 213 8.47 2.11 15.29
CA VAL A 213 7.48 2.46 16.32
C VAL A 213 6.74 1.25 16.95
N GLY A 214 7.25 0.06 16.70
CA GLY A 214 6.73 -1.14 17.40
C GLY A 214 5.44 -1.79 16.89
N VAL A 215 4.96 -1.37 15.72
CA VAL A 215 3.74 -1.91 15.08
C VAL A 215 4.04 -3.20 14.32
N LEU A 216 5.22 -3.26 13.72
CA LEU A 216 5.70 -4.49 13.05
C LEU A 216 7.01 -4.95 13.71
N ALA B 3 -1.37 -23.46 2.01
CA ALA B 3 -1.88 -23.00 0.68
C ALA B 3 -0.81 -22.32 -0.18
N MSE B 4 0.44 -22.63 0.18
CA MSE B 4 1.65 -22.12 -0.47
C MSE B 4 1.62 -21.88 -1.99
O MSE B 4 0.99 -22.61 -2.79
CB MSE B 4 2.85 -23.01 -0.11
CG MSE B 4 3.05 -24.21 -1.03
SE MSE B 4 4.79 -25.04 -0.63
CE MSE B 4 4.25 -26.07 0.97
N ILE B 5 2.33 -20.81 -2.37
CA ILE B 5 2.56 -20.47 -3.75
C ILE B 5 4.00 -20.91 -4.09
N GLU B 6 4.15 -21.84 -5.02
CA GLU B 6 5.48 -22.31 -5.46
C GLU B 6 6.32 -21.23 -6.14
N PRO B 7 7.65 -21.24 -5.91
CA PRO B 7 8.51 -20.24 -6.60
C PRO B 7 8.38 -20.28 -8.12
N GLY B 8 8.50 -19.11 -8.76
CA GLY B 8 8.47 -18.97 -10.22
C GLY B 8 7.09 -19.06 -10.82
N SER B 9 6.07 -18.92 -10.01
CA SER B 9 4.72 -19.11 -10.48
C SER B 9 4.09 -17.79 -10.93
N LYS B 10 3.11 -17.91 -11.81
CA LYS B 10 2.24 -16.81 -12.24
C LYS B 10 0.91 -16.89 -11.51
N LEU B 11 0.60 -15.81 -10.79
CA LEU B 11 -0.65 -15.70 -10.04
C LEU B 11 -1.51 -14.67 -10.75
N VAL B 12 -2.64 -15.10 -11.31
CA VAL B 12 -3.57 -14.21 -12.01
C VAL B 12 -4.75 -13.90 -11.12
N MSE B 13 -4.95 -12.59 -10.83
CA MSE B 13 -5.99 -12.17 -9.90
C MSE B 13 -7.12 -11.53 -10.70
O MSE B 13 -6.89 -10.63 -11.54
CB MSE B 13 -5.38 -11.22 -8.83
CG MSE B 13 -4.19 -11.91 -8.11
SE MSE B 13 -3.59 -11.01 -6.50
CE MSE B 13 -4.80 -11.84 -5.22
N VAL B 14 -8.32 -12.07 -10.49
CA VAL B 14 -9.48 -11.72 -11.32
C VAL B 14 -10.58 -11.15 -10.44
N GLY B 15 -11.38 -10.26 -11.02
CA GLY B 15 -12.52 -9.73 -10.27
C GLY B 15 -13.14 -8.55 -10.97
N ASP B 16 -13.74 -7.67 -10.17
CA ASP B 16 -14.45 -6.46 -10.65
C ASP B 16 -13.59 -5.22 -10.37
N SER B 17 -14.18 -4.03 -10.19
N SER B 17 -14.20 -4.08 -10.08
CA SER B 17 -13.33 -2.80 -10.07
CA SER B 17 -13.43 -2.88 -9.77
C SER B 17 -12.36 -2.86 -8.92
C SER B 17 -12.52 -3.05 -8.54
N ILE B 18 -12.74 -3.56 -7.86
N ILE B 18 -12.96 -3.82 -7.56
CA ILE B 18 -11.92 -3.60 -6.65
CA ILE B 18 -12.13 -3.98 -6.36
C ILE B 18 -10.64 -4.39 -6.94
C ILE B 18 -10.76 -4.59 -6.74
N THR B 19 -10.76 -5.42 -7.79
CA THR B 19 -9.54 -6.07 -8.30
C THR B 19 -8.83 -5.20 -9.35
N ASP B 20 -9.60 -4.63 -10.30
CA ASP B 20 -9.11 -3.81 -11.42
C ASP B 20 -8.23 -2.67 -10.90
N CSO B 21 -8.83 -1.75 -10.15
CA CSO B 21 -8.09 -0.59 -9.60
CB CSO B 21 -7.20 -1.00 -8.41
SG CSO B 21 -8.29 -1.40 -7.07
C CSO B 21 -7.24 0.13 -10.64
O CSO B 21 -6.15 0.53 -10.33
OD CSO B 21 -9.35 0.03 -6.76
N GLY B 22 -7.71 0.27 -11.86
CA GLY B 22 -6.95 0.99 -12.88
C GLY B 22 -5.76 0.24 -13.48
N ARG B 23 -5.82 -1.09 -13.42
CA ARG B 23 -4.74 -1.90 -14.00
C ARG B 23 -4.64 -1.71 -15.53
N ALA B 24 -3.48 -2.08 -16.07
CA ALA B 24 -3.18 -1.87 -17.49
C ALA B 24 -3.96 -2.85 -18.36
N HIS B 25 -4.24 -2.43 -19.60
CA HIS B 25 -4.88 -3.28 -20.60
C HIS B 25 -3.96 -3.56 -21.77
N PRO B 26 -4.11 -4.75 -22.41
CA PRO B 26 -5.08 -5.82 -22.12
C PRO B 26 -4.82 -6.59 -20.81
N VAL B 27 -3.60 -6.53 -20.28
CA VAL B 27 -3.22 -7.35 -19.12
C VAL B 27 -2.42 -6.50 -18.11
N GLY B 28 -2.81 -6.50 -16.84
CA GLY B 28 -2.03 -5.72 -15.83
C GLY B 28 -0.88 -6.55 -15.28
N GLU B 29 0.35 -6.03 -15.39
CA GLU B 29 1.55 -6.74 -14.92
C GLU B 29 2.23 -5.87 -13.87
N ALA B 30 3.09 -6.47 -13.06
CA ALA B 30 3.73 -5.77 -11.92
C ALA B 30 4.61 -4.58 -12.26
N PRO B 31 5.42 -4.67 -13.31
CA PRO B 31 6.40 -3.64 -13.54
C PRO B 31 5.75 -2.29 -13.64
N ARG B 32 6.38 -1.28 -13.05
N ARG B 32 6.51 -1.30 -13.16
CA ARG B 32 5.80 0.08 -13.00
CA ARG B 32 6.16 0.11 -13.23
C ARG B 32 4.52 0.11 -12.13
C ARG B 32 4.70 0.39 -12.90
N GLY B 33 3.41 0.55 -12.72
N GLY B 33 4.06 -0.40 -12.03
CA GLY B 33 2.12 0.56 -12.00
CA GLY B 33 2.71 -0.08 -11.55
C GLY B 33 1.10 -0.27 -12.74
C GLY B 33 1.44 -0.55 -12.26
N GLY B 34 1.56 -1.35 -13.34
CA GLY B 34 0.55 -1.98 -14.16
C GLY B 34 -0.53 -2.74 -13.42
N LEU B 35 -0.28 -3.06 -12.15
CA LEU B 35 -1.28 -3.79 -11.34
C LEU B 35 -2.36 -2.89 -10.79
N GLY B 36 -2.26 -1.59 -11.02
CA GLY B 36 -3.23 -0.67 -10.41
C GLY B 36 -2.75 -0.22 -9.03
N ASN B 37 -3.67 0.31 -8.21
CA ASN B 37 -3.27 0.91 -6.94
C ASN B 37 -4.00 0.32 -5.70
N GLY B 38 -4.46 -0.91 -5.83
CA GLY B 38 -5.27 -1.55 -4.79
C GLY B 38 -4.68 -2.85 -4.31
N TYR B 39 -5.53 -3.78 -3.87
CA TYR B 39 -5.03 -4.95 -3.17
C TYR B 39 -4.13 -5.81 -4.03
N VAL B 40 -4.41 -5.91 -5.34
CA VAL B 40 -3.53 -6.78 -6.18
C VAL B 40 -2.11 -6.20 -6.20
N ALA B 41 -2.00 -4.86 -6.37
CA ALA B 41 -0.67 -4.22 -6.34
C ALA B 41 -0.01 -4.41 -4.94
N LEU B 42 -0.83 -4.37 -3.87
CA LEU B 42 -0.28 -4.57 -2.52
C LEU B 42 0.18 -6.02 -2.29
N VAL B 43 -0.55 -6.99 -2.84
CA VAL B 43 -0.11 -8.40 -2.76
C VAL B 43 1.26 -8.53 -3.45
N ASP B 44 1.35 -8.02 -4.68
CA ASP B 44 2.62 -8.09 -5.38
C ASP B 44 3.73 -7.37 -4.58
N ALA B 45 3.45 -6.19 -4.05
CA ALA B 45 4.49 -5.45 -3.34
C ALA B 45 4.98 -6.27 -2.12
N HIS B 46 4.07 -6.87 -1.37
CA HIS B 46 4.51 -7.69 -0.23
C HIS B 46 5.31 -8.89 -0.69
N LEU B 47 4.88 -9.57 -1.74
CA LEU B 47 5.68 -10.71 -2.21
C LEU B 47 7.06 -10.30 -2.65
N GLN B 48 7.18 -9.16 -3.34
CA GLN B 48 8.53 -8.77 -3.81
C GLN B 48 9.41 -8.24 -2.67
N VAL B 49 8.82 -7.56 -1.68
CA VAL B 49 9.61 -7.02 -0.57
C VAL B 49 9.99 -8.07 0.43
N LEU B 50 9.08 -9.03 0.70
CA LEU B 50 9.32 -10.01 1.75
C LEU B 50 9.82 -11.32 1.21
N HIS B 51 9.46 -11.64 -0.05
CA HIS B 51 9.88 -12.92 -0.65
C HIS B 51 10.36 -12.77 -2.10
N PRO B 52 11.32 -11.87 -2.32
CA PRO B 52 11.75 -11.60 -3.70
C PRO B 52 12.30 -12.85 -4.37
N ASP B 53 12.94 -13.75 -3.62
CA ASP B 53 13.52 -14.94 -4.25
C ASP B 53 12.45 -15.91 -4.75
N TRP B 54 11.20 -15.74 -4.33
CA TRP B 54 10.12 -16.62 -4.82
C TRP B 54 9.76 -16.34 -6.29
N ARG B 55 10.14 -15.17 -6.80
N ARG B 55 10.13 -15.15 -6.78
CA ARG B 55 9.90 -14.84 -8.21
CA ARG B 55 9.92 -14.81 -8.19
C ARG B 55 8.46 -15.05 -8.63
C ARG B 55 8.48 -15.04 -8.63
N ILE B 56 7.53 -14.53 -7.83
CA ILE B 56 6.11 -14.68 -8.15
C ILE B 56 5.70 -13.56 -9.11
N ARG B 57 5.15 -13.95 -10.26
CA ARG B 57 4.65 -12.99 -11.25
C ARG B 57 3.18 -12.77 -11.02
N VAL B 58 2.82 -11.58 -10.55
CA VAL B 58 1.43 -11.27 -10.23
C VAL B 58 0.81 -10.51 -11.40
N VAL B 59 -0.40 -10.90 -11.79
CA VAL B 59 -1.07 -10.34 -12.97
C VAL B 59 -2.47 -9.97 -12.51
N ASN B 60 -2.99 -8.87 -13.05
CA ASN B 60 -4.32 -8.37 -12.70
C ASN B 60 -5.19 -8.33 -13.97
N VAL B 61 -6.30 -9.06 -13.98
CA VAL B 61 -7.25 -8.94 -15.08
C VAL B 61 -8.65 -8.60 -14.55
N GLY B 62 -8.69 -7.84 -13.47
CA GLY B 62 -9.98 -7.35 -12.93
C GLY B 62 -10.60 -6.36 -13.88
N THR B 63 -11.93 -6.31 -13.91
CA THR B 63 -12.65 -5.36 -14.78
C THR B 63 -13.83 -4.73 -14.05
N SER B 64 -13.81 -3.41 -13.92
N SER B 64 -13.80 -3.40 -13.93
CA SER B 64 -14.88 -2.67 -13.25
CA SER B 64 -14.87 -2.63 -13.34
C SER B 64 -16.27 -2.99 -13.79
C SER B 64 -16.28 -3.04 -13.81
N GLY B 65 -17.20 -3.19 -12.87
CA GLY B 65 -18.60 -3.49 -13.19
C GLY B 65 -18.93 -4.95 -13.39
N ASN B 66 -17.93 -5.83 -13.42
CA ASN B 66 -18.24 -7.23 -13.80
C ASN B 66 -19.09 -7.95 -12.75
N THR B 67 -20.03 -8.75 -13.25
CA THR B 67 -20.66 -9.79 -12.43
C THR B 67 -19.97 -11.11 -12.73
N VAL B 68 -20.38 -12.18 -12.06
CA VAL B 68 -19.76 -13.49 -12.33
C VAL B 68 -20.09 -13.94 -13.76
N ALA B 69 -21.21 -13.46 -14.33
CA ALA B 69 -21.55 -13.79 -15.72
C ALA B 69 -20.54 -13.15 -16.68
N ASP B 70 -20.13 -11.90 -16.40
CA ASP B 70 -19.12 -11.24 -17.22
C ASP B 70 -17.79 -11.94 -17.10
N VAL B 71 -17.44 -12.37 -15.87
CA VAL B 71 -16.17 -13.06 -15.65
C VAL B 71 -16.15 -14.38 -16.43
N ALA B 72 -17.25 -15.13 -16.34
CA ALA B 72 -17.31 -16.41 -17.05
C ALA B 72 -17.18 -16.25 -18.57
N ARG B 73 -17.78 -15.20 -19.11
CA ARG B 73 -17.76 -14.99 -20.56
C ARG B 73 -16.34 -14.77 -21.06
N ARG B 74 -15.50 -14.13 -20.25
CA ARG B 74 -14.14 -13.81 -20.71
C ARG B 74 -13.07 -14.69 -20.10
N TRP B 75 -13.49 -15.73 -19.38
CA TRP B 75 -12.52 -16.51 -18.59
C TRP B 75 -11.44 -17.18 -19.42
N GLU B 76 -11.81 -17.90 -20.48
CA GLU B 76 -10.78 -18.62 -21.22
C GLU B 76 -9.83 -17.66 -21.91
N ASP B 77 -10.37 -16.60 -22.51
CA ASP B 77 -9.49 -15.66 -23.24
C ASP B 77 -8.67 -14.73 -22.37
N ASP B 78 -9.22 -14.31 -21.24
CA ASP B 78 -8.58 -13.28 -20.41
C ASP B 78 -7.76 -13.86 -19.26
N VAL B 79 -8.16 -15.06 -18.81
CA VAL B 79 -7.55 -15.63 -17.62
C VAL B 79 -6.75 -16.87 -18.00
N MSE B 80 -7.40 -17.88 -18.56
CA MSE B 80 -6.70 -19.15 -18.79
C MSE B 80 -5.66 -19.08 -19.90
O MSE B 80 -4.63 -19.77 -19.84
CB MSE B 80 -7.70 -20.29 -19.01
CG MSE B 80 -8.67 -20.45 -17.86
SE MSE B 80 -7.83 -20.56 -16.08
CE MSE B 80 -6.82 -22.24 -16.29
N ALA B 81 -5.87 -18.18 -20.86
CA ALA B 81 -4.87 -18.00 -21.93
C ALA B 81 -3.55 -17.47 -21.41
N LEU B 82 -3.54 -16.92 -20.20
CA LEU B 82 -2.30 -16.44 -19.61
C LEU B 82 -1.48 -17.56 -18.97
N GLN B 83 -1.99 -18.79 -19.01
CA GLN B 83 -1.30 -19.95 -18.40
C GLN B 83 -0.97 -19.73 -16.91
N PRO B 84 -1.98 -19.39 -16.12
CA PRO B 84 -1.69 -19.19 -14.68
C PRO B 84 -1.27 -20.47 -13.98
N ASP B 85 -0.43 -20.32 -12.97
CA ASP B 85 -0.21 -21.41 -12.01
C ASP B 85 -1.19 -21.33 -10.86
N TYR B 86 -1.61 -20.11 -10.53
CA TYR B 86 -2.60 -19.86 -9.47
C TYR B 86 -3.57 -18.83 -9.99
N VAL B 87 -4.82 -18.96 -9.59
CA VAL B 87 -5.84 -17.96 -9.95
C VAL B 87 -6.57 -17.56 -8.68
N SER B 88 -6.80 -16.26 -8.48
N SER B 88 -6.85 -16.28 -8.55
CA SER B 88 -7.76 -15.85 -7.44
CA SER B 88 -7.70 -15.79 -7.47
C SER B 88 -8.94 -15.19 -8.11
C SER B 88 -8.92 -15.11 -8.07
N LEU B 89 -10.09 -15.27 -7.44
CA LEU B 89 -11.30 -14.61 -7.93
C LEU B 89 -12.09 -14.00 -6.78
N MSE B 90 -12.34 -12.69 -6.87
CA MSE B 90 -13.27 -12.01 -5.96
C MSE B 90 -14.37 -11.48 -6.82
O MSE B 90 -14.12 -10.64 -7.70
CB MSE B 90 -12.59 -10.84 -5.22
CG MSE B 90 -13.64 -10.07 -4.37
SE MSE B 90 -12.91 -8.43 -3.62
CE MSE B 90 -12.25 -9.30 -2.20
N ILE B 91 -15.59 -11.92 -6.60
CA ILE B 91 -16.69 -11.46 -7.45
C ILE B 91 -18.00 -11.65 -6.69
N GLY B 92 -18.98 -10.83 -7.00
CA GLY B 92 -20.32 -11.00 -6.41
C GLY B 92 -20.93 -9.69 -5.95
N VAL B 93 -20.11 -8.67 -5.65
CA VAL B 93 -20.73 -7.45 -5.13
C VAL B 93 -21.62 -6.82 -6.20
N ASN B 94 -21.19 -6.83 -7.47
CA ASN B 94 -22.03 -6.23 -8.50
C ASN B 94 -23.28 -7.07 -8.77
N ASP B 95 -23.13 -8.37 -8.73
CA ASP B 95 -24.25 -9.32 -8.92
C ASP B 95 -25.39 -8.94 -7.97
N VAL B 96 -25.04 -8.61 -6.72
CA VAL B 96 -26.03 -8.17 -5.74
C VAL B 96 -26.41 -6.69 -5.92
N TRP B 97 -25.40 -5.83 -6.07
CA TRP B 97 -25.60 -4.38 -6.04
C TRP B 97 -26.60 -3.94 -7.10
N ARG B 98 -26.51 -4.53 -8.30
CA ARG B 98 -27.44 -4.15 -9.37
C ARG B 98 -28.92 -4.34 -8.98
N GLN B 99 -29.19 -5.31 -8.10
CA GLN B 99 -30.57 -5.57 -7.66
C GLN B 99 -31.09 -4.42 -6.81
N PHE B 100 -30.16 -3.63 -6.26
CA PHE B 100 -30.50 -2.49 -5.41
C PHE B 100 -30.38 -1.15 -6.12
N ASP B 101 -29.32 -0.98 -6.90
CA ASP B 101 -29.19 0.33 -7.56
C ASP B 101 -29.90 0.43 -8.91
N MSE B 102 -30.31 -0.71 -9.47
CA MSE B 102 -31.08 -0.73 -10.72
C MSE B 102 -32.19 -1.79 -10.59
O MSE B 102 -32.24 -2.75 -11.38
CB MSE B 102 -30.18 -1.09 -11.94
CG MSE B 102 -28.89 -0.38 -12.00
SE MSE B 102 -28.07 -0.94 -13.67
CE MSE B 102 -26.52 0.18 -13.35
N PRO B 103 -33.10 -1.64 -9.60
CA PRO B 103 -34.00 -2.75 -9.31
C PRO B 103 -34.92 -3.15 -10.48
N LEU B 104 -35.23 -2.19 -11.37
CA LEU B 104 -36.13 -2.53 -12.48
C LEU B 104 -35.37 -3.02 -13.70
N VAL B 105 -34.04 -2.85 -13.72
CA VAL B 105 -33.23 -3.20 -14.90
C VAL B 105 -32.77 -4.64 -14.69
N VAL B 106 -33.72 -5.56 -14.84
CA VAL B 106 -33.52 -6.90 -14.30
C VAL B 106 -32.45 -7.70 -15.06
N GLU B 107 -32.20 -7.33 -16.32
CA GLU B 107 -31.18 -8.06 -17.05
C GLU B 107 -29.74 -7.81 -16.55
N ARG B 108 -29.55 -6.79 -15.69
CA ARG B 108 -28.24 -6.53 -15.09
C ARG B 108 -28.01 -7.33 -13.81
N HIS B 109 -29.08 -7.93 -13.30
CA HIS B 109 -29.02 -8.72 -12.06
C HIS B 109 -28.47 -10.13 -12.32
N VAL B 110 -27.79 -10.66 -11.34
CA VAL B 110 -27.41 -12.10 -11.37
C VAL B 110 -27.94 -12.66 -10.05
N GLY B 111 -28.91 -13.56 -10.14
CA GLY B 111 -29.50 -14.17 -8.95
C GLY B 111 -28.61 -15.23 -8.34
N ILE B 112 -28.99 -15.67 -7.14
CA ILE B 112 -28.04 -16.50 -6.39
C ILE B 112 -27.81 -17.88 -7.02
N ASP B 113 -28.82 -18.43 -7.68
CA ASP B 113 -28.61 -19.74 -8.29
C ASP B 113 -27.67 -19.64 -9.49
N GLU B 114 -27.83 -18.58 -10.30
CA GLU B 114 -26.91 -18.37 -11.43
C GLU B 114 -25.50 -18.12 -10.86
N TYR B 115 -25.41 -17.32 -9.79
CA TYR B 115 -24.12 -17.00 -9.20
C TYR B 115 -23.41 -18.28 -8.73
N ARG B 116 -24.11 -19.10 -7.95
CA ARG B 116 -23.52 -20.33 -7.42
C ARG B 116 -23.12 -21.28 -8.56
N ASP B 117 -24.00 -21.43 -9.54
CA ASP B 117 -23.73 -22.37 -10.64
C ASP B 117 -22.54 -21.91 -11.47
N THR B 118 -22.45 -20.59 -11.70
CA THR B 118 -21.36 -20.07 -12.51
C THR B 118 -20.05 -20.20 -11.75
N LEU B 119 -20.04 -19.89 -10.45
CA LEU B 119 -18.81 -20.13 -9.65
C LEU B 119 -18.41 -21.60 -9.70
N ARG B 120 -19.37 -22.51 -9.58
CA ARG B 120 -19.03 -23.93 -9.62
C ARG B 120 -18.39 -24.29 -10.97
N HIS B 121 -18.95 -23.80 -12.06
N HIS B 121 -18.95 -23.74 -12.06
CA HIS B 121 -18.37 -24.12 -13.36
CA HIS B 121 -18.45 -23.93 -13.47
C HIS B 121 -16.95 -23.55 -13.44
C HIS B 121 -17.03 -23.46 -13.62
N LEU B 122 -16.74 -22.29 -13.04
CA LEU B 122 -15.41 -21.71 -13.14
C LEU B 122 -14.41 -22.52 -12.31
N VAL B 123 -14.80 -22.92 -11.12
CA VAL B 123 -13.85 -23.69 -10.31
C VAL B 123 -13.61 -25.05 -10.95
N ALA B 124 -14.69 -25.71 -11.38
CA ALA B 124 -14.54 -27.04 -11.97
C ALA B 124 -13.64 -27.06 -13.19
N THR B 125 -13.72 -26.04 -14.04
N THR B 125 -13.74 -26.03 -14.03
CA THR B 125 -12.89 -26.05 -15.26
CA THR B 125 -12.94 -25.98 -15.27
C THR B 125 -11.47 -25.57 -14.96
C THR B 125 -11.53 -25.42 -15.05
N THR B 126 -11.30 -24.75 -13.92
CA THR B 126 -9.99 -24.15 -13.65
C THR B 126 -9.11 -25.04 -12.79
N LYS B 127 -9.68 -25.62 -11.74
CA LYS B 127 -8.91 -26.40 -10.75
C LYS B 127 -7.97 -27.44 -11.39
N PRO B 128 -8.42 -28.22 -12.40
CA PRO B 128 -7.50 -29.21 -13.00
C PRO B 128 -6.30 -28.61 -13.74
N ARG B 129 -6.36 -27.31 -14.05
CA ARG B 129 -5.33 -26.65 -14.87
C ARG B 129 -4.42 -25.75 -14.07
N VAL B 130 -4.63 -25.66 -12.77
CA VAL B 130 -3.78 -24.78 -11.94
C VAL B 130 -3.30 -25.52 -10.71
N ARG B 131 -2.26 -24.97 -10.06
CA ARG B 131 -1.83 -25.55 -8.79
C ARG B 131 -2.88 -25.31 -7.72
N GLU B 132 -3.44 -24.11 -7.66
CA GLU B 132 -4.53 -23.83 -6.72
C GLU B 132 -5.33 -22.63 -7.22
N MSE B 133 -6.62 -22.64 -6.88
CA MSE B 133 -7.50 -21.50 -7.10
C MSE B 133 -8.01 -21.00 -5.76
O MSE B 133 -8.31 -21.82 -4.86
CB MSE B 133 -8.67 -21.88 -8.02
CG MSE B 133 -9.60 -20.67 -8.31
SE MSE B 133 -10.90 -21.11 -9.65
CE MSE B 133 -11.96 -19.49 -9.62
N PHE B 134 -8.04 -19.68 -5.59
CA PHE B 134 -8.50 -19.06 -4.36
C PHE B 134 -9.78 -18.29 -4.62
N LEU B 135 -10.81 -18.59 -3.83
CA LEU B 135 -12.08 -17.83 -3.91
C LEU B 135 -12.08 -16.80 -2.79
N LEU B 136 -12.13 -15.53 -3.18
CA LEU B 136 -12.11 -14.43 -2.20
C LEU B 136 -13.54 -13.90 -2.06
N SER B 137 -14.04 -13.83 -0.83
CA SER B 137 -15.43 -13.39 -0.68
C SER B 137 -15.60 -11.98 -1.25
N PRO B 138 -16.74 -11.72 -1.92
CA PRO B 138 -17.15 -10.32 -2.07
C PRO B 138 -17.44 -9.75 -0.67
N PHE B 139 -17.55 -8.43 -0.58
CA PHE B 139 -17.84 -7.85 0.73
C PHE B 139 -18.66 -6.59 0.56
N TYR B 140 -19.28 -6.20 1.65
CA TYR B 140 -20.08 -4.98 1.66
C TYR B 140 -19.87 -4.38 3.05
N LEU B 141 -19.46 -3.12 3.09
CA LEU B 141 -18.96 -2.50 4.35
C LEU B 141 -20.10 -1.93 5.16
N GLU B 142 -20.97 -2.84 5.58
CA GLU B 142 -22.18 -2.47 6.32
C GLU B 142 -22.26 -3.43 7.49
N PRO B 143 -22.04 -2.95 8.72
CA PRO B 143 -22.00 -3.87 9.87
C PRO B 143 -23.35 -4.46 10.25
N ASN B 144 -24.44 -3.82 9.83
CA ASN B 144 -25.77 -4.31 10.19
C ASN B 144 -26.14 -5.44 9.28
N ARG B 145 -26.08 -6.67 9.79
N ARG B 145 -26.12 -6.65 9.83
CA ARG B 145 -26.34 -7.84 8.91
CA ARG B 145 -26.38 -7.88 9.07
C ARG B 145 -27.83 -8.09 8.64
C ARG B 145 -27.80 -7.99 8.56
N SER B 146 -28.69 -7.19 9.14
CA SER B 146 -30.09 -7.19 8.73
C SER B 146 -30.38 -6.13 7.68
N ASP B 147 -29.41 -5.31 7.31
CA ASP B 147 -29.63 -4.41 6.17
C ASP B 147 -29.90 -5.31 4.94
N PRO B 148 -30.91 -5.01 4.12
CA PRO B 148 -31.25 -5.96 3.05
C PRO B 148 -30.10 -6.28 2.09
N MSE B 149 -29.36 -5.28 1.65
CA MSE B 149 -28.26 -5.60 0.76
C MSE B 149 -27.18 -6.37 1.49
O MSE B 149 -26.64 -7.31 0.94
CB MSE B 149 -27.69 -4.38 0.05
CG MSE B 149 -26.48 -4.74 -0.80
SE MSE B 149 -26.10 -3.38 -2.15
CE MSE B 149 -24.30 -4.04 -2.56
N ARG B 150 -26.86 -5.99 2.73
CA ARG B 150 -25.85 -6.78 3.45
C ARG B 150 -26.28 -8.24 3.60
N LYS B 151 -27.56 -8.46 3.93
CA LYS B 151 -28.09 -9.81 4.07
C LYS B 151 -27.97 -10.59 2.76
N THR B 152 -28.23 -9.92 1.64
CA THR B 152 -28.09 -10.58 0.35
C THR B 152 -26.61 -10.89 0.05
N VAL B 153 -25.71 -9.93 0.30
CA VAL B 153 -24.30 -10.22 0.12
C VAL B 153 -23.87 -11.43 0.96
N ASP B 154 -24.33 -11.51 2.21
CA ASP B 154 -23.99 -12.65 3.04
C ASP B 154 -24.46 -13.96 2.43
N ALA B 155 -25.65 -13.98 1.82
CA ALA B 155 -26.13 -15.20 1.15
C ALA B 155 -25.24 -15.56 -0.01
N TYR B 156 -24.77 -14.56 -0.77
CA TYR B 156 -23.88 -14.89 -1.88
C TYR B 156 -22.53 -15.39 -1.39
N ILE B 157 -22.02 -14.78 -0.32
CA ILE B 157 -20.79 -15.25 0.31
C ILE B 157 -20.93 -16.71 0.74
N GLU B 158 -22.07 -17.06 1.33
N GLU B 158 -22.07 -17.07 1.31
CA GLU B 158 -22.32 -18.45 1.72
CA GLU B 158 -22.25 -18.47 1.73
C GLU B 158 -22.29 -19.37 0.50
C GLU B 158 -22.37 -19.41 0.53
N ALA B 159 -22.92 -18.93 -0.59
CA ALA B 159 -22.91 -19.74 -1.85
C ALA B 159 -21.47 -19.96 -2.31
N MSE B 160 -20.63 -18.92 -2.25
CA MSE B 160 -19.24 -19.10 -2.62
C MSE B 160 -18.52 -20.06 -1.68
O MSE B 160 -17.75 -20.94 -2.13
CB MSE B 160 -18.51 -17.74 -2.68
CG MSE B 160 -17.03 -17.93 -2.99
SE MSE B 160 -16.03 -16.23 -2.94
CE MSE B 160 -16.36 -15.59 -4.73
N ARG B 161 -18.76 -19.91 -0.39
CA ARG B 161 -18.12 -20.78 0.60
C ARG B 161 -18.51 -22.22 0.32
N ASP B 162 -19.78 -22.45 -0.05
CA ASP B 162 -20.27 -23.81 -0.31
C ASP B 162 -19.62 -24.40 -1.56
N VAL B 163 -19.45 -23.58 -2.61
CA VAL B 163 -18.74 -24.05 -3.80
C VAL B 163 -17.29 -24.38 -3.44
N ALA B 164 -16.63 -23.51 -2.67
CA ALA B 164 -15.22 -23.77 -2.29
C ALA B 164 -15.11 -25.07 -1.54
N ALA B 165 -16.05 -25.33 -0.65
CA ALA B 165 -15.97 -26.54 0.15
C ALA B 165 -16.22 -27.78 -0.70
N SER B 166 -17.18 -27.71 -1.63
N SER B 166 -17.19 -27.70 -1.60
CA SER B 166 -17.57 -28.85 -2.46
CA SER B 166 -17.54 -28.84 -2.42
C SER B 166 -16.57 -29.17 -3.58
C SER B 166 -16.38 -29.18 -3.36
N GLU B 167 -15.84 -28.14 -3.99
CA GLU B 167 -14.77 -28.30 -4.98
C GLU B 167 -13.38 -28.43 -4.35
N HIS B 168 -13.30 -28.29 -3.03
CA HIS B 168 -12.03 -28.36 -2.28
C HIS B 168 -11.01 -27.38 -2.80
N VAL B 169 -11.41 -26.11 -2.78
CA VAL B 169 -10.45 -25.01 -3.01
C VAL B 169 -10.54 -24.01 -1.86
N PRO B 170 -9.45 -23.30 -1.59
CA PRO B 170 -9.47 -22.35 -0.48
C PRO B 170 -10.45 -21.19 -0.65
N PHE B 171 -11.07 -20.85 0.46
CA PHE B 171 -11.98 -19.71 0.55
C PHE B 171 -11.36 -18.71 1.51
N VAL B 172 -11.27 -17.45 1.07
CA VAL B 172 -10.70 -16.39 1.91
C VAL B 172 -11.85 -15.46 2.31
N ASP B 173 -12.16 -15.43 3.60
CA ASP B 173 -13.34 -14.69 4.08
C ASP B 173 -12.94 -13.24 4.37
N VAL B 174 -12.87 -12.47 3.30
CA VAL B 174 -12.54 -11.04 3.39
C VAL B 174 -13.63 -10.31 4.16
N GLN B 175 -14.89 -10.68 3.94
CA GLN B 175 -15.99 -10.01 4.65
C GLN B 175 -15.82 -10.14 6.16
N ALA B 176 -15.37 -11.31 6.64
CA ALA B 176 -15.18 -11.51 8.07
C ALA B 176 -14.10 -10.58 8.63
N GLU B 177 -13.04 -10.36 7.85
CA GLU B 177 -12.00 -9.44 8.28
C GLU B 177 -12.53 -8.01 8.38
N PHE B 178 -13.35 -7.60 7.42
CA PHE B 178 -13.97 -6.29 7.53
C PHE B 178 -14.93 -6.20 8.69
N ASP B 179 -15.69 -7.27 8.96
CA ASP B 179 -16.61 -7.22 10.10
C ASP B 179 -15.86 -6.99 11.40
N ARG B 180 -14.71 -7.64 11.55
CA ARG B 180 -13.91 -7.42 12.76
C ARG B 180 -13.46 -5.95 12.80
N LEU B 181 -13.03 -5.42 11.67
CA LEU B 181 -12.51 -4.04 11.70
C LEU B 181 -13.61 -3.00 11.90
N LEU B 182 -14.78 -3.28 11.36
CA LEU B 182 -15.94 -2.38 11.50
C LEU B 182 -16.41 -2.28 12.97
N ALA B 183 -16.01 -3.21 13.84
CA ALA B 183 -16.29 -3.04 15.26
C ALA B 183 -15.44 -1.93 15.87
N HIS B 184 -14.37 -1.51 15.17
CA HIS B 184 -13.45 -0.48 15.65
C HIS B 184 -13.49 0.82 14.86
N LEU B 185 -13.86 0.74 13.58
CA LEU B 185 -13.85 1.89 12.66
C LEU B 185 -15.16 1.91 11.94
N ASN B 186 -15.75 3.08 11.78
CA ASN B 186 -17.01 3.14 11.06
C ASN B 186 -16.76 3.09 9.56
N THR B 187 -17.79 2.68 8.83
CA THR B 187 -17.61 2.43 7.40
C THR B 187 -17.10 3.64 6.61
N TRP B 188 -17.41 4.87 7.06
CA TRP B 188 -16.93 6.03 6.29
C TRP B 188 -15.41 6.17 6.28
N VAL B 189 -14.74 5.58 7.26
CA VAL B 189 -13.26 5.60 7.26
C VAL B 189 -12.72 4.67 6.18
N LEU B 190 -13.50 3.65 5.81
CA LEU B 190 -13.03 2.59 4.90
C LEU B 190 -13.45 2.77 3.45
N ALA B 191 -14.55 3.50 3.19
CA ALA B 191 -15.02 3.66 1.78
C ALA B 191 -15.99 4.83 1.72
N PRO B 192 -16.18 5.42 0.53
CA PRO B 192 -17.16 6.51 0.38
C PRO B 192 -18.56 6.00 0.09
N ASP B 193 -18.75 4.68 -0.04
CA ASP B 193 -20.02 4.15 -0.56
C ASP B 193 -20.29 2.71 -0.16
N ARG B 194 -19.57 2.22 0.88
CA ARG B 194 -19.73 0.87 1.40
C ARG B 194 -19.24 -0.23 0.47
N VAL B 195 -18.68 0.12 -0.70
CA VAL B 195 -18.34 -0.90 -1.71
C VAL B 195 -16.85 -0.80 -2.08
N HIS B 196 -16.40 0.42 -2.42
CA HIS B 196 -15.06 0.62 -2.98
C HIS B 196 -14.10 1.20 -1.94
N PRO B 197 -13.23 0.36 -1.35
CA PRO B 197 -12.45 0.88 -0.22
C PRO B 197 -11.33 1.82 -0.62
N TYR B 198 -10.92 2.62 0.37
CA TYR B 198 -9.68 3.37 0.29
C TYR B 198 -8.49 2.42 0.48
N LEU B 199 -7.29 2.99 0.50
CA LEU B 199 -6.08 2.18 0.65
C LEU B 199 -6.17 1.28 1.88
N ASN B 200 -6.68 1.80 3.00
CA ASN B 200 -6.83 0.99 4.20
C ASN B 200 -7.60 -0.32 3.94
N GLY B 201 -8.76 -0.23 3.29
CA GLY B 201 -9.51 -1.46 2.99
C GLY B 201 -8.81 -2.35 1.98
N HIS B 202 -8.09 -1.76 1.03
CA HIS B 202 -7.28 -2.60 0.14
C HIS B 202 -6.19 -3.35 0.89
N LEU B 203 -5.64 -2.72 1.94
CA LEU B 203 -4.64 -3.42 2.77
C LEU B 203 -5.29 -4.58 3.53
N VAL B 204 -6.52 -4.40 4.02
CA VAL B 204 -7.24 -5.53 4.65
C VAL B 204 -7.34 -6.71 3.67
N ILE B 205 -7.76 -6.44 2.43
CA ILE B 205 -7.91 -7.52 1.44
C ILE B 205 -6.55 -8.18 1.18
N ALA B 206 -5.52 -7.37 0.94
CA ALA B 206 -4.21 -7.92 0.64
C ALA B 206 -3.71 -8.78 1.78
N ARG B 207 -3.83 -8.28 3.03
CA ARG B 207 -3.34 -9.07 4.17
C ARG B 207 -4.13 -10.37 4.31
N ALA B 208 -5.44 -10.33 4.06
CA ALA B 208 -6.23 -11.58 4.13
C ALA B 208 -5.75 -12.59 3.12
N PHE B 209 -5.51 -12.12 1.89
CA PHE B 209 -4.98 -13.04 0.87
C PHE B 209 -3.59 -13.57 1.25
N LEU B 210 -2.69 -12.67 1.68
CA LEU B 210 -1.31 -13.10 1.99
C LEU B 210 -1.29 -14.06 3.18
N THR B 211 -2.20 -13.88 4.13
CA THR B 211 -2.32 -14.81 5.26
C THR B 211 -2.78 -16.19 4.75
N ALA B 212 -3.72 -16.20 3.81
CA ALA B 212 -4.25 -17.47 3.25
C ALA B 212 -3.17 -18.25 2.53
N VAL B 213 -2.21 -17.56 1.90
CA VAL B 213 -1.04 -18.22 1.25
C VAL B 213 0.22 -18.35 2.12
N GLY B 214 0.09 -18.09 3.40
CA GLY B 214 1.19 -18.34 4.36
C GLY B 214 2.35 -17.35 4.37
N VAL B 215 2.15 -16.15 3.80
CA VAL B 215 3.19 -15.08 3.77
C VAL B 215 3.10 -14.23 5.04
N LEU B 216 1.87 -13.98 5.48
CA LEU B 216 1.66 -13.36 6.78
C LEU B 216 0.95 -14.41 7.65
C ACT C . 12.24 14.56 -4.87
O ACT C . 11.80 15.54 -4.18
OXT ACT C . 12.06 14.54 -6.12
CH3 ACT C . 13.01 13.45 -4.23
C1 EDO D . -8.56 7.44 10.71
O1 EDO D . -9.83 8.08 10.82
C2 EDO D . -7.88 7.95 9.44
O2 EDO D . -8.77 7.67 8.32
C1 EDO E . 26.40 9.70 -10.26
O1 EDO E . 27.51 9.17 -9.49
C2 EDO E . 25.32 8.66 -10.58
O2 EDO E . 24.79 7.99 -9.42
C1 EDO F . 11.73 18.47 26.97
O1 EDO F . 10.29 18.55 26.89
C2 EDO F . 12.14 17.53 25.85
O2 EDO F . 13.40 17.82 25.23
S SO4 G . 29.16 22.93 3.09
O1 SO4 G . 27.75 23.23 3.49
O2 SO4 G . 30.02 23.98 3.71
O3 SO4 G . 29.74 21.56 3.42
O4 SO4 G . 29.29 23.06 1.61
S SO4 H . -4.38 -2.96 20.20
O1 SO4 H . -5.65 -3.50 20.73
O2 SO4 H . -3.62 -2.29 21.28
O3 SO4 H . -3.60 -4.11 19.70
O4 SO4 H . -4.62 -2.02 19.10
CL CL I . 17.67 -10.19 4.12
C ACT J . -17.35 -2.55 -8.99
O ACT J . -17.62 -1.33 -9.08
OXT ACT J . -17.01 -3.20 -10.02
CH3 ACT J . -17.39 -3.18 -7.65
C1 EDO K . -29.78 -1.39 0.71
O1 EDO K . -30.30 -2.35 1.67
C2 EDO K . -28.65 -0.58 1.34
O2 EDO K . -27.56 -1.36 1.81
S SO4 L . -31.64 -17.19 -9.87
O1 SO4 L . -31.56 -17.48 -8.39
O2 SO4 L . -32.33 -15.89 -10.02
O3 SO4 L . -30.35 -17.16 -10.61
O4 SO4 L . -32.49 -18.26 -10.47
S SO4 M . 12.51 -16.69 1.75
O1 SO4 M . 13.99 -16.63 1.66
O2 SO4 M . 11.92 -15.61 0.95
O3 SO4 M . 12.06 -18.03 1.30
O4 SO4 M . 12.09 -16.54 3.17
CL CL N . -10.28 -7.95 16.43
#